data_6EZ0
#
_entry.id   6EZ0
#
_entity_poly.entity_id   1
_entity_poly.type   'polyribonucleotide'
_entity_poly.pdbx_seq_one_letter_code
;GGAGCGGGGG(U37)G(U37)AAACC(U37)A(U37)CGC(U37)CC
;
_entity_poly.pdbx_strand_id   A
#